data_1APW
#
_entry.id   1APW
#
_cell.length_a   97.640
_cell.length_b   46.580
_cell.length_c   66.440
_cell.angle_alpha   90.00
_cell.angle_beta   116.12
_cell.angle_gamma   90.00
#
_symmetry.space_group_name_H-M   'C 1 2 1'
#
loop_
_entity.id
_entity.type
_entity.pdbx_description
1 polymer PENICILLOPEPSIN
2 polymer 'INHIBITOR ISOVALERYL (IVA)-VAL-VAL-DIFLUOROSTATINE-N-METHYLAMINE'
3 non-polymer alpha-D-mannopyranose
4 non-polymer alpha-L-xylopyranose
5 non-polymer 'SULFATE ION'
6 non-polymer DIMETHYLFORMAMIDE
7 water water
#
loop_
_entity_poly.entity_id
_entity_poly.type
_entity_poly.pdbx_seq_one_letter_code
_entity_poly.pdbx_strand_id
1 'polypeptide(L)'
;AASGVATNTPTANDEEYITPVTIGGTTLNLNFDTGSADLWVFSTELPASQQSGHSVYNPSATGKELSGYTWSISYGDGSS
ASGNVFTDSVTVGGVTAHGQAVQAAQQISAQFQQDTNNDGLLGLAFSSINTVQPQSQTTFFDTVKSSLAQPLFAVALKHQ
QPGVYDFGFIDSSKYTGSLTYTGVDNSQGFWSFNVDSYTAGSQSGDGFSGIADTGTTLLLLDDSVVSQYYSQVSGAQQDS
NAGGYVFDCSTNLPDFSVSISGYTATVPGSLINYGPSGDGSTCLGGIQSNSGIGFSIFGDIFLKSQYVVFDSDGPQLGFA
PQA
;
E
2 'polypeptide(L)' (IVA)VV(DFI)(NME) I
#
loop_
_chem_comp.id
_chem_comp.type
_chem_comp.name
_chem_comp.formula
DMF non-polymer DIMETHYLFORMAMIDE 'C3 H7 N O'
HSY L-saccharide, alpha linking alpha-L-xylopyranose 'C5 H10 O5'
IVA non-polymer 'ISOVALERIC ACID' 'C5 H10 O2'
MAN D-saccharide, alpha linking alpha-D-mannopyranose 'C6 H12 O6'
NME non-polymer METHYLAMINE 'C H5 N'
SO4 non-polymer 'SULFATE ION' 'O4 S -2'
#
# COMPACT_ATOMS: atom_id res chain seq x y z
N ALA A 1 17.21 -21.84 0.96
CA ALA A 1 16.01 -20.99 1.25
C ALA A 1 16.25 -19.69 0.49
N ALA A 2 15.19 -18.93 0.25
CA ALA A 2 15.34 -17.69 -0.50
C ALA A 2 14.83 -16.61 0.47
N SER A 3 15.39 -15.48 0.08
CA SER A 3 15.10 -14.19 0.76
C SER A 3 15.57 -13.12 -0.20
N GLY A 4 15.15 -11.88 0.05
CA GLY A 4 15.59 -10.81 -0.87
C GLY A 4 15.05 -9.46 -0.33
N VAL A 5 15.70 -8.46 -0.87
CA VAL A 5 15.37 -7.07 -0.51
C VAL A 5 15.09 -6.28 -1.77
N ALA A 6 13.94 -5.65 -1.82
CA ALA A 6 13.64 -4.83 -3.00
C ALA A 6 13.59 -3.40 -2.44
N THR A 7 14.18 -2.46 -3.12
CA THR A 7 14.15 -1.05 -2.64
C THR A 7 12.97 -0.30 -3.26
N ASN A 8 12.25 0.39 -2.44
CA ASN A 8 11.13 1.22 -2.83
C ASN A 8 11.63 2.71 -2.77
N THR A 9 10.88 3.50 -3.57
CA THR A 9 11.14 4.95 -3.60
C THR A 9 9.83 5.74 -3.66
N PRO A 10 9.65 6.72 -2.81
CA PRO A 10 8.41 7.49 -2.86
C PRO A 10 8.44 8.42 -4.10
N THR A 11 7.24 8.70 -4.54
CA THR A 11 7.13 9.63 -5.68
C THR A 11 6.98 10.96 -4.93
N ALA A 12 6.72 12.05 -5.66
CA ALA A 12 6.56 13.39 -5.06
C ALA A 12 5.55 13.36 -3.90
N ASN A 13 5.93 13.93 -2.79
CA ASN A 13 5.21 14.03 -1.56
C ASN A 13 4.92 12.64 -0.98
N ASP A 14 5.61 11.60 -1.41
CA ASP A 14 5.31 10.25 -0.88
C ASP A 14 3.88 9.87 -1.27
N GLU A 15 3.40 10.30 -2.43
CA GLU A 15 2.00 9.93 -2.78
C GLU A 15 1.92 8.41 -3.00
N GLU A 16 2.97 7.83 -3.56
CA GLU A 16 2.99 6.38 -3.79
C GLU A 16 4.46 5.92 -3.71
N TYR A 17 4.64 4.61 -3.53
CA TYR A 17 6.00 4.04 -3.43
C TYR A 17 6.17 3.04 -4.57
N ILE A 18 7.24 3.16 -5.33
CA ILE A 18 7.38 2.19 -6.44
C ILE A 18 8.67 1.42 -6.26
N THR A 19 8.62 0.21 -6.76
CA THR A 19 9.66 -0.81 -6.72
C THR A 19 9.79 -1.54 -8.06
N PRO A 20 11.00 -1.72 -8.50
CA PRO A 20 11.23 -2.40 -9.75
C PRO A 20 10.91 -3.90 -9.62
N VAL A 21 10.31 -4.44 -10.66
CA VAL A 21 9.93 -5.86 -10.80
C VAL A 21 10.28 -6.31 -12.24
N THR A 22 10.95 -7.42 -12.35
CA THR A 22 11.30 -7.92 -13.69
C THR A 22 10.31 -9.02 -14.08
N ILE A 23 9.65 -8.76 -15.19
CA ILE A 23 8.66 -9.75 -15.70
C ILE A 23 9.11 -10.20 -17.08
N GLY A 24 9.38 -11.50 -17.16
CA GLY A 24 9.83 -12.07 -18.44
C GLY A 24 10.98 -11.20 -19.03
N GLY A 25 11.97 -10.82 -18.25
CA GLY A 25 13.10 -10.00 -18.75
C GLY A 25 12.97 -8.48 -18.79
N THR A 26 11.76 -7.98 -18.69
CA THR A 26 11.51 -6.51 -18.73
C THR A 26 11.25 -5.98 -17.32
N THR A 27 11.93 -4.89 -17.00
CA THR A 27 11.73 -4.32 -15.67
C THR A 27 10.72 -3.19 -15.70
N LEU A 28 9.74 -3.33 -14.79
CA LEU A 28 8.67 -2.35 -14.68
C LEU A 28 8.69 -1.70 -13.29
N ASN A 29 8.16 -0.52 -13.17
CA ASN A 29 8.17 0.14 -11.81
C ASN A 29 6.75 -0.04 -11.26
N LEU A 30 6.57 -0.92 -10.24
CA LEU A 30 5.22 -1.15 -9.73
C LEU A 30 4.96 -0.64 -8.33
N ASN A 31 3.69 -0.40 -8.09
CA ASN A 31 3.26 0.09 -6.76
C ASN A 31 2.89 -1.17 -5.95
N PHE A 32 3.58 -1.45 -4.88
CA PHE A 32 3.23 -2.67 -4.06
C PHE A 32 2.09 -2.28 -3.17
N ASP A 33 0.95 -3.00 -3.26
CA ASP A 33 -0.23 -2.71 -2.51
C ASP A 33 -0.73 -3.84 -1.62
N THR A 34 -0.55 -3.67 -0.32
CA THR A 34 -1.01 -4.71 0.62
C THR A 34 -2.54 -4.68 0.75
N GLY A 35 -3.18 -3.77 0.02
CA GLY A 35 -4.65 -3.73 0.03
C GLY A 35 -5.33 -4.45 -1.11
N SER A 36 -4.65 -5.10 -2.04
CA SER A 36 -5.32 -5.81 -3.17
C SER A 36 -4.45 -7.04 -3.46
N ALA A 37 -5.03 -7.93 -4.24
CA ALA A 37 -4.32 -9.18 -4.56
C ALA A 37 -4.05 -9.46 -6.04
N ASP A 38 -4.04 -8.42 -6.84
CA ASP A 38 -3.78 -8.55 -8.27
C ASP A 38 -2.42 -7.97 -8.68
N LEU A 39 -1.71 -8.69 -9.54
CA LEU A 39 -0.41 -8.19 -10.07
C LEU A 39 -0.84 -7.81 -11.48
N TRP A 40 -0.98 -6.51 -11.77
CA TRP A 40 -1.42 -6.17 -13.17
C TRP A 40 -0.39 -5.16 -13.71
N VAL A 41 -0.19 -5.20 -15.04
CA VAL A 41 0.79 -4.26 -15.60
C VAL A 41 0.26 -3.65 -16.90
N PHE A 42 0.90 -2.51 -17.20
CA PHE A 42 0.59 -1.80 -18.48
C PHE A 42 1.08 -2.81 -19.50
N SER A 43 0.44 -3.02 -20.66
CA SER A 43 0.93 -4.02 -21.64
C SER A 43 0.79 -3.46 -23.08
N THR A 44 1.29 -4.30 -23.99
CA THR A 44 1.17 -3.83 -25.39
C THR A 44 -0.26 -4.02 -25.88
N GLU A 45 -1.20 -4.48 -25.01
CA GLU A 45 -2.59 -4.67 -25.47
C GLU A 45 -3.33 -3.39 -25.26
N LEU A 46 -2.71 -2.40 -24.63
CA LEU A 46 -3.39 -1.11 -24.43
C LEU A 46 -3.17 -0.31 -25.75
N PRO A 47 -4.04 0.67 -25.94
CA PRO A 47 -3.94 1.58 -27.11
C PRO A 47 -2.55 2.18 -27.03
N ALA A 48 -1.85 2.35 -28.13
CA ALA A 48 -0.51 2.92 -28.12
C ALA A 48 -0.37 4.24 -27.35
N SER A 49 -1.43 5.02 -27.45
CA SER A 49 -1.44 6.34 -26.78
C SER A 49 -1.42 6.24 -25.26
N GLN A 50 -1.82 5.08 -24.76
CA GLN A 50 -1.85 4.89 -23.30
C GLN A 50 -0.57 4.25 -22.82
N GLN A 51 0.24 3.70 -23.69
CA GLN A 51 1.51 3.05 -23.34
C GLN A 51 2.62 4.06 -23.13
N SER A 52 2.26 5.27 -23.54
CA SER A 52 3.19 6.39 -23.47
C SER A 52 3.61 6.83 -22.07
N GLY A 53 4.94 6.83 -21.98
CA GLY A 53 5.42 7.28 -20.64
C GLY A 53 5.49 6.09 -19.68
N HIS A 54 5.43 4.88 -20.21
CA HIS A 54 5.50 3.70 -19.33
C HIS A 54 6.37 2.64 -19.90
N SER A 55 6.77 1.71 -19.05
CA SER A 55 7.56 0.53 -19.42
C SER A 55 6.37 -0.47 -19.53
N VAL A 56 6.31 -1.22 -20.64
CA VAL A 56 5.14 -2.13 -20.77
C VAL A 56 5.57 -3.57 -20.99
N TYR A 57 4.69 -4.46 -20.55
CA TYR A 57 4.96 -5.90 -20.70
C TYR A 57 4.43 -6.36 -22.07
N ASN A 58 5.20 -7.21 -22.76
CA ASN A 58 4.64 -7.68 -24.08
C ASN A 58 4.43 -9.18 -23.82
N PRO A 59 3.18 -9.57 -23.62
CA PRO A 59 2.84 -10.94 -23.31
C PRO A 59 3.27 -11.99 -24.31
N SER A 60 3.23 -11.60 -25.57
CA SER A 60 3.59 -12.54 -26.68
C SER A 60 5.04 -12.94 -26.71
N ALA A 61 5.87 -12.14 -26.03
CA ALA A 61 7.30 -12.43 -26.03
C ALA A 61 7.63 -13.63 -25.14
N THR A 62 7.12 -13.58 -23.94
CA THR A 62 7.41 -14.65 -22.97
C THR A 62 6.28 -15.22 -22.14
N GLY A 63 5.11 -14.66 -22.17
CA GLY A 63 4.03 -15.23 -21.32
C GLY A 63 3.29 -16.39 -21.94
N LYS A 64 2.64 -17.15 -21.08
CA LYS A 64 1.83 -18.32 -21.57
C LYS A 64 0.41 -17.83 -21.26
N GLU A 65 -0.40 -17.67 -22.30
CA GLU A 65 -1.78 -17.19 -22.08
C GLU A 65 -2.67 -18.16 -21.37
N LEU A 66 -3.59 -17.69 -20.54
CA LEU A 66 -4.55 -18.58 -19.85
C LEU A 66 -5.81 -18.33 -20.71
N SER A 67 -6.00 -19.20 -21.70
CA SER A 67 -7.18 -18.98 -22.56
C SER A 67 -8.46 -18.88 -21.74
N GLY A 68 -9.19 -17.84 -22.07
CA GLY A 68 -10.47 -17.51 -21.49
C GLY A 68 -10.50 -16.90 -20.09
N TYR A 69 -9.35 -16.57 -19.54
CA TYR A 69 -9.33 -15.97 -18.19
C TYR A 69 -9.31 -14.46 -18.37
N THR A 70 -9.96 -13.78 -17.47
CA THR A 70 -10.04 -12.32 -17.46
C THR A 70 -9.87 -11.87 -16.01
N TRP A 71 -9.71 -10.57 -15.89
CA TRP A 71 -9.58 -9.93 -14.57
C TRP A 71 -10.19 -8.52 -14.75
N SER A 72 -10.68 -8.07 -13.62
CA SER A 72 -11.31 -6.74 -13.59
C SER A 72 -11.30 -6.28 -12.14
N ILE A 73 -10.74 -5.11 -11.87
CA ILE A 73 -10.69 -4.67 -10.46
C ILE A 73 -11.04 -3.20 -10.32
N SER A 74 -11.69 -2.88 -9.22
CA SER A 74 -12.07 -1.48 -8.95
C SER A 74 -11.49 -1.15 -7.56
N TYR A 75 -10.84 -0.01 -7.42
CA TYR A 75 -10.23 0.42 -6.17
C TYR A 75 -11.06 1.43 -5.42
N GLY A 76 -10.66 1.64 -4.20
CA GLY A 76 -11.26 2.59 -3.23
C GLY A 76 -11.31 4.02 -3.71
N ASP A 77 -10.36 4.45 -4.53
CA ASP A 77 -10.43 5.84 -5.00
C ASP A 77 -11.28 5.90 -6.30
N GLY A 78 -11.94 4.84 -6.72
CA GLY A 78 -12.75 4.90 -7.98
C GLY A 78 -11.99 4.49 -9.23
N SER A 79 -10.69 4.19 -9.14
CA SER A 79 -9.94 3.79 -10.36
C SER A 79 -10.26 2.32 -10.64
N SER A 80 -9.96 1.87 -11.87
CA SER A 80 -10.26 0.46 -12.21
C SER A 80 -9.35 0.09 -13.37
N ALA A 81 -9.25 -1.19 -13.64
CA ALA A 81 -8.44 -1.72 -14.72
C ALA A 81 -9.01 -3.14 -15.00
N SER A 82 -8.74 -3.56 -16.24
CA SER A 82 -9.21 -4.91 -16.63
C SER A 82 -8.33 -5.48 -17.77
N GLY A 83 -8.39 -6.78 -17.97
CA GLY A 83 -7.59 -7.38 -19.04
C GLY A 83 -7.71 -8.91 -19.01
N ASN A 84 -6.62 -9.43 -19.55
CA ASN A 84 -6.41 -10.87 -19.70
C ASN A 84 -5.21 -11.34 -18.89
N VAL A 85 -5.02 -12.67 -18.98
CA VAL A 85 -3.94 -13.22 -18.13
C VAL A 85 -2.97 -14.17 -18.76
N PHE A 86 -1.73 -13.99 -18.31
CA PHE A 86 -0.62 -14.83 -18.75
C PHE A 86 0.18 -15.29 -17.53
N THR A 87 0.95 -16.33 -17.73
CA THR A 87 1.84 -16.77 -16.60
C THR A 87 3.23 -16.42 -17.18
N ASP A 88 4.12 -15.99 -16.29
CA ASP A 88 5.49 -15.60 -16.66
C ASP A 88 6.38 -15.70 -15.44
N SER A 89 7.66 -15.37 -15.63
CA SER A 89 8.59 -15.41 -14.46
C SER A 89 8.62 -13.97 -13.95
N VAL A 90 8.44 -13.84 -12.63
CA VAL A 90 8.39 -12.52 -11.97
C VAL A 90 9.50 -12.47 -10.91
N THR A 91 10.41 -11.50 -11.00
CA THR A 91 11.51 -11.40 -10.03
C THR A 91 11.44 -10.11 -9.22
N VAL A 92 11.44 -10.31 -7.89
CA VAL A 92 11.37 -9.14 -6.99
C VAL A 92 12.54 -9.27 -6.00
N GLY A 93 13.42 -8.30 -6.03
CA GLY A 93 14.59 -8.31 -5.12
C GLY A 93 15.34 -9.62 -5.14
N GLY A 94 15.50 -10.15 -6.36
CA GLY A 94 16.22 -11.41 -6.55
C GLY A 94 15.37 -12.63 -6.18
N VAL A 95 14.11 -12.54 -5.79
CA VAL A 95 13.33 -13.75 -5.49
C VAL A 95 12.47 -13.95 -6.78
N THR A 96 12.56 -15.13 -7.39
CA THR A 96 11.81 -15.40 -8.61
C THR A 96 10.64 -16.38 -8.44
N ALA A 97 9.50 -15.94 -8.91
CA ALA A 97 8.26 -16.72 -8.89
C ALA A 97 8.14 -17.23 -10.35
N HIS A 98 8.20 -18.56 -10.51
CA HIS A 98 8.06 -19.08 -11.88
C HIS A 98 6.57 -19.39 -12.05
N GLY A 99 6.03 -19.06 -13.19
CA GLY A 99 4.61 -19.33 -13.48
C GLY A 99 3.63 -18.44 -12.71
N GLN A 100 4.10 -17.26 -12.32
CA GLN A 100 3.26 -16.30 -11.63
C GLN A 100 2.24 -15.72 -12.66
N ALA A 101 1.01 -15.58 -12.17
CA ALA A 101 -0.04 -15.04 -13.06
C ALA A 101 0.20 -13.56 -13.23
N VAL A 102 0.31 -13.05 -14.42
CA VAL A 102 0.52 -11.63 -14.68
C VAL A 102 -0.75 -11.11 -15.38
N GLN A 103 -1.40 -10.13 -14.84
CA GLN A 103 -2.64 -9.57 -15.41
C GLN A 103 -2.28 -8.40 -16.33
N ALA A 104 -2.39 -8.69 -17.65
CA ALA A 104 -2.05 -7.65 -18.65
C ALA A 104 -3.26 -6.73 -18.84
N ALA A 105 -3.00 -5.42 -18.67
CA ALA A 105 -4.11 -4.47 -18.84
C ALA A 105 -4.47 -4.32 -20.33
N GLN A 106 -5.80 -4.27 -20.51
CA GLN A 106 -6.44 -4.06 -21.81
C GLN A 106 -7.21 -2.72 -21.71
N GLN A 107 -7.64 -2.36 -20.52
CA GLN A 107 -8.40 -1.14 -20.21
C GLN A 107 -7.95 -0.56 -18.87
N ILE A 108 -7.78 0.75 -18.76
CA ILE A 108 -7.34 1.41 -17.51
C ILE A 108 -8.15 2.71 -17.42
N SER A 109 -8.54 3.06 -16.20
CA SER A 109 -9.36 4.29 -16.01
C SER A 109 -8.45 5.51 -16.07
N ALA A 110 -9.04 6.69 -16.13
CA ALA A 110 -8.23 7.92 -16.21
C ALA A 110 -7.18 8.13 -15.16
N GLN A 111 -7.49 7.71 -13.92
CA GLN A 111 -6.49 7.90 -12.84
C GLN A 111 -5.19 7.23 -13.21
N PHE A 112 -5.31 6.03 -13.80
CA PHE A 112 -4.10 5.30 -14.20
C PHE A 112 -3.46 5.89 -15.47
N GLN A 113 -4.29 6.33 -16.40
CA GLN A 113 -3.74 6.93 -17.65
C GLN A 113 -2.95 8.20 -17.30
N GLN A 114 -3.40 8.89 -16.25
CA GLN A 114 -2.67 10.13 -15.88
C GLN A 114 -1.45 9.91 -15.02
N ASP A 115 -1.34 8.77 -14.36
CA ASP A 115 -0.18 8.49 -13.47
C ASP A 115 1.00 7.86 -14.16
N THR A 116 2.00 8.65 -14.49
CA THR A 116 3.17 8.01 -15.17
C THR A 116 4.23 7.52 -14.18
N ASN A 117 3.91 7.57 -12.92
CA ASN A 117 4.87 7.11 -11.88
C ASN A 117 5.01 5.57 -11.78
N ASN A 118 3.96 4.85 -12.14
CA ASN A 118 3.99 3.39 -12.07
C ASN A 118 3.50 2.79 -13.42
N ASP A 119 3.85 1.51 -13.48
CA ASP A 119 3.53 0.66 -14.64
C ASP A 119 2.58 -0.48 -14.25
N GLY A 120 1.88 -0.31 -13.14
CA GLY A 120 0.93 -1.32 -12.63
C GLY A 120 1.15 -1.49 -11.10
N LEU A 121 0.42 -2.51 -10.60
CA LEU A 121 0.43 -2.83 -9.17
C LEU A 121 0.83 -4.26 -8.88
N LEU A 122 1.42 -4.54 -7.75
CA LEU A 122 1.78 -5.91 -7.33
C LEU A 122 0.93 -6.03 -6.03
N GLY A 123 -0.12 -6.83 -5.98
CA GLY A 123 -0.97 -6.97 -4.77
C GLY A 123 -0.29 -7.93 -3.78
N LEU A 124 -0.38 -7.54 -2.52
CA LEU A 124 0.16 -8.30 -1.38
C LEU A 124 -0.92 -8.59 -0.34
N ALA A 125 -2.21 -8.44 -0.66
CA ALA A 125 -3.28 -8.78 0.30
C ALA A 125 -3.38 -10.35 0.14
N PHE A 126 -4.33 -10.97 0.87
CA PHE A 126 -4.47 -12.45 0.74
C PHE A 126 -5.03 -12.80 -0.67
N SER A 127 -4.60 -13.94 -1.17
CA SER A 127 -5.02 -14.40 -2.52
C SER A 127 -6.53 -14.60 -2.68
N SER A 128 -7.23 -14.72 -1.56
CA SER A 128 -8.68 -14.92 -1.52
C SER A 128 -9.47 -13.83 -2.25
N ILE A 129 -8.84 -12.67 -2.36
CA ILE A 129 -9.48 -11.54 -3.06
C ILE A 129 -8.90 -11.28 -4.43
N ASN A 130 -8.11 -12.18 -5.00
CA ASN A 130 -7.58 -11.98 -6.37
C ASN A 130 -8.84 -12.02 -7.28
N THR A 131 -8.89 -11.12 -8.26
CA THR A 131 -10.04 -11.02 -9.17
C THR A 131 -10.05 -11.87 -10.44
N VAL A 132 -9.05 -12.67 -10.69
CA VAL A 132 -8.99 -13.49 -11.91
C VAL A 132 -10.18 -14.44 -11.98
N GLN A 133 -10.75 -14.52 -13.16
CA GLN A 133 -11.90 -15.39 -13.45
C GLN A 133 -11.59 -16.30 -14.66
N PRO A 134 -12.12 -17.51 -14.67
CA PRO A 134 -12.99 -18.12 -13.69
C PRO A 134 -12.34 -18.66 -12.43
N GLN A 135 -11.02 -18.80 -12.38
CA GLN A 135 -10.33 -19.33 -11.16
C GLN A 135 -9.28 -18.30 -10.69
N SER A 136 -9.42 -17.88 -9.43
CA SER A 136 -8.47 -16.88 -8.89
C SER A 136 -7.07 -17.43 -8.86
N GLN A 137 -6.10 -16.51 -8.88
CA GLN A 137 -4.68 -16.89 -8.86
C GLN A 137 -3.99 -16.39 -7.59
N THR A 138 -2.79 -16.88 -7.30
CA THR A 138 -2.09 -16.45 -6.10
C THR A 138 -1.19 -15.26 -6.38
N THR A 139 -1.06 -14.50 -5.29
CA THR A 139 -0.22 -13.30 -5.31
C THR A 139 1.24 -13.77 -5.42
N PHE A 140 2.11 -12.80 -5.78
CA PHE A 140 3.53 -13.08 -5.87
C PHE A 140 3.99 -13.70 -4.54
N PHE A 141 3.55 -13.10 -3.47
CA PHE A 141 4.00 -13.62 -2.16
C PHE A 141 3.54 -15.05 -1.90
N ASP A 142 2.27 -15.33 -2.18
CA ASP A 142 1.72 -16.67 -1.98
C ASP A 142 2.41 -17.63 -2.93
N THR A 143 2.77 -17.18 -4.12
CA THR A 143 3.44 -18.10 -5.04
C THR A 143 4.80 -18.54 -4.50
N VAL A 144 5.58 -17.66 -3.92
CA VAL A 144 6.90 -17.94 -3.41
C VAL A 144 7.03 -18.27 -1.92
N LYS A 145 6.04 -18.00 -1.13
CA LYS A 145 6.16 -18.20 0.31
C LYS A 145 6.76 -19.50 0.79
N SER A 146 6.41 -20.60 0.18
CA SER A 146 6.96 -21.90 0.65
C SER A 146 8.45 -21.98 0.36
N SER A 147 8.97 -21.15 -0.55
CA SER A 147 10.39 -21.21 -0.83
C SER A 147 11.16 -20.21 0.06
N LEU A 148 10.51 -19.27 0.73
CA LEU A 148 11.27 -18.34 1.55
C LEU A 148 11.76 -19.00 2.87
N ALA A 149 12.83 -18.42 3.40
CA ALA A 149 13.37 -18.93 4.69
C ALA A 149 12.25 -18.83 5.73
N GLN A 150 11.44 -17.75 5.72
CA GLN A 150 10.32 -17.54 6.61
C GLN A 150 9.15 -17.03 5.74
N PRO A 151 7.93 -17.47 5.95
CA PRO A 151 6.78 -17.02 5.15
C PRO A 151 6.20 -15.68 5.58
N LEU A 152 7.00 -14.67 5.32
CA LEU A 152 6.62 -13.27 5.72
C LEU A 152 7.39 -12.31 4.84
N PHE A 153 6.94 -11.07 4.90
CA PHE A 153 7.57 -9.94 4.18
C PHE A 153 7.50 -8.80 5.24
N ALA A 154 8.40 -7.82 5.06
CA ALA A 154 8.37 -6.70 6.03
C ALA A 154 8.64 -5.42 5.20
N VAL A 155 8.09 -4.36 5.78
CA VAL A 155 8.29 -3.10 5.04
C VAL A 155 8.64 -1.91 5.92
N ALA A 156 9.49 -1.12 5.28
CA ALA A 156 9.95 0.15 5.83
C ALA A 156 9.72 1.19 4.71
N LEU A 157 8.69 1.99 4.88
CA LEU A 157 8.41 3.08 3.93
C LEU A 157 8.96 4.36 4.61
N LYS A 158 9.65 5.19 3.87
CA LYS A 158 10.21 6.42 4.47
C LYS A 158 9.74 7.69 3.82
N HIS A 159 9.97 8.80 4.54
CA HIS A 159 9.60 10.14 4.04
C HIS A 159 10.74 10.64 3.16
N GLN A 160 10.45 10.80 1.87
CA GLN A 160 11.40 11.27 0.87
C GLN A 160 12.79 10.65 0.94
N GLN A 161 12.86 9.34 1.11
CA GLN A 161 14.07 8.53 1.17
C GLN A 161 13.63 7.12 0.72
N PRO A 162 14.59 6.41 0.13
CA PRO A 162 14.38 5.04 -0.35
C PRO A 162 14.12 4.16 0.90
N GLY A 163 13.27 3.18 0.70
CA GLY A 163 12.90 2.26 1.80
C GLY A 163 13.11 0.84 1.28
N VAL A 164 12.58 -0.13 2.01
CA VAL A 164 12.75 -1.50 1.57
C VAL A 164 11.47 -2.29 1.83
N TYR A 165 11.45 -3.38 1.09
CA TYR A 165 10.51 -4.46 1.15
C TYR A 165 11.46 -5.67 1.49
N ASP A 166 11.38 -6.27 2.67
CA ASP A 166 12.23 -7.44 2.95
C ASP A 166 11.38 -8.70 2.67
N PHE A 167 11.88 -9.61 1.83
CA PHE A 167 11.03 -10.81 1.63
C PHE A 167 11.67 -12.04 2.31
N GLY A 168 10.96 -12.75 3.15
CA GLY A 168 11.46 -13.97 3.80
C GLY A 168 12.39 -13.84 4.99
N PHE A 169 12.60 -12.63 5.48
CA PHE A 169 13.51 -12.42 6.63
C PHE A 169 13.14 -11.05 7.22
N ILE A 170 13.59 -10.87 8.44
CA ILE A 170 13.36 -9.62 9.22
C ILE A 170 14.70 -8.93 9.42
N ASP A 171 14.77 -7.65 9.07
CA ASP A 171 16.04 -6.96 9.25
C ASP A 171 15.88 -6.20 10.56
N SER A 172 16.51 -6.69 11.60
CA SER A 172 16.43 -6.06 12.92
C SER A 172 17.06 -4.68 13.04
N SER A 173 17.86 -4.34 12.04
CA SER A 173 18.53 -3.02 12.06
C SER A 173 17.56 -1.94 11.60
N LYS A 174 16.40 -2.31 11.06
CA LYS A 174 15.40 -1.32 10.59
C LYS A 174 14.46 -0.75 11.64
N TYR A 175 14.60 -1.31 12.86
CA TYR A 175 13.72 -0.81 13.93
C TYR A 175 14.44 -0.80 15.27
N THR A 176 13.75 -0.07 16.18
CA THR A 176 14.26 0.03 17.53
C THR A 176 13.45 -0.93 18.41
N GLY A 177 14.21 -1.57 19.33
CA GLY A 177 13.64 -2.51 20.28
C GLY A 177 13.23 -3.83 19.64
N SER A 178 12.14 -4.35 20.21
CA SER A 178 11.61 -5.64 19.72
C SER A 178 10.24 -5.41 19.07
N LEU A 179 9.89 -6.37 18.21
CA LEU A 179 8.56 -6.30 17.55
C LEU A 179 7.46 -6.74 18.51
N THR A 180 6.29 -6.17 18.32
CA THR A 180 5.11 -6.50 19.09
C THR A 180 4.13 -7.11 18.06
N TYR A 181 3.60 -8.30 18.28
CA TYR A 181 2.68 -8.84 17.26
C TYR A 181 1.21 -8.80 17.66
N THR A 182 0.35 -8.73 16.64
CA THR A 182 -1.11 -8.72 16.89
C THR A 182 -1.75 -9.66 15.85
N GLY A 183 -2.89 -10.28 16.24
CA GLY A 183 -3.49 -11.18 15.22
C GLY A 183 -4.20 -10.42 14.08
N VAL A 184 -4.22 -11.09 12.94
CA VAL A 184 -4.85 -10.55 11.73
C VAL A 184 -6.11 -11.36 11.44
N ASP A 185 -7.09 -10.63 11.00
CA ASP A 185 -8.39 -11.22 10.60
C ASP A 185 -8.31 -11.15 9.06
N ASN A 186 -8.12 -12.28 8.38
CA ASN A 186 -8.03 -12.15 6.90
C ASN A 186 -9.33 -12.53 6.20
N SER A 187 -10.41 -12.51 6.97
CA SER A 187 -11.70 -12.90 6.39
C SER A 187 -12.13 -12.07 5.21
N GLN A 188 -11.80 -10.80 5.06
CA GLN A 188 -12.14 -9.95 3.94
C GLN A 188 -10.92 -9.84 3.02
N GLY A 189 -9.90 -10.65 3.22
CA GLY A 189 -8.69 -10.69 2.38
C GLY A 189 -7.68 -9.59 2.71
N PHE A 190 -7.93 -8.82 3.76
CA PHE A 190 -6.94 -7.74 4.07
C PHE A 190 -6.08 -8.10 5.27
N TRP A 191 -5.06 -7.30 5.52
CA TRP A 191 -4.19 -7.52 6.72
C TRP A 191 -4.89 -6.57 7.74
N SER A 192 -5.95 -7.08 8.31
CA SER A 192 -6.79 -6.35 9.26
C SER A 192 -6.44 -6.63 10.72
N PHE A 193 -6.34 -5.59 11.52
CA PHE A 193 -5.99 -5.80 12.94
C PHE A 193 -6.86 -4.85 13.79
N ASN A 194 -6.82 -5.11 15.09
CA ASN A 194 -7.59 -4.24 16.00
C ASN A 194 -6.67 -3.38 16.85
N VAL A 195 -7.23 -2.19 17.17
CA VAL A 195 -6.50 -1.27 18.05
C VAL A 195 -7.47 -1.17 19.26
N ASP A 196 -6.83 -1.13 20.42
CA ASP A 196 -7.66 -1.06 21.68
C ASP A 196 -8.06 0.37 22.06
N SER A 197 -7.32 1.37 21.58
CA SER A 197 -7.63 2.76 21.90
C SER A 197 -6.73 3.66 21.00
N TYR A 198 -7.05 4.94 20.99
CA TYR A 198 -6.26 5.92 20.23
C TYR A 198 -6.12 7.20 21.07
N THR A 199 -5.12 7.96 20.76
CA THR A 199 -4.87 9.28 21.38
C THR A 199 -4.62 10.24 20.21
N ALA A 200 -5.48 11.22 20.10
CA ALA A 200 -5.33 12.25 19.02
C ALA A 200 -4.96 13.52 19.81
N GLY A 201 -3.66 13.79 19.92
CA GLY A 201 -3.20 14.97 20.67
C GLY A 201 -3.75 14.86 22.08
N SER A 202 -4.56 15.82 22.50
CA SER A 202 -5.13 15.83 23.87
C SER A 202 -6.37 15.00 24.10
N GLN A 203 -6.85 14.27 23.09
CA GLN A 203 -8.08 13.49 23.27
C GLN A 203 -7.85 12.00 23.04
N SER A 204 -8.45 11.19 23.87
CA SER A 204 -8.25 9.73 23.70
C SER A 204 -9.61 9.12 23.44
N GLY A 205 -9.68 7.97 22.82
CA GLY A 205 -11.02 7.35 22.56
C GLY A 205 -10.85 5.83 22.48
N ASP A 206 -11.96 5.20 22.24
CA ASP A 206 -12.16 3.74 22.12
C ASP A 206 -11.54 3.24 20.82
N GLY A 207 -11.26 1.98 20.79
CA GLY A 207 -10.65 1.18 19.69
C GLY A 207 -11.57 0.98 18.49
N PHE A 208 -10.96 0.31 17.47
CA PHE A 208 -11.66 0.06 16.20
C PHE A 208 -10.75 -0.89 15.40
N SER A 209 -11.13 -1.25 14.20
CA SER A 209 -10.26 -2.14 13.41
C SER A 209 -9.84 -1.31 12.17
N GLY A 210 -8.75 -1.82 11.60
CA GLY A 210 -8.23 -1.13 10.38
C GLY A 210 -7.37 -2.13 9.61
N ILE A 211 -7.01 -1.64 8.42
CA ILE A 211 -6.15 -2.51 7.57
C ILE A 211 -4.81 -1.82 7.32
N ALA A 212 -3.74 -2.63 7.31
CA ALA A 212 -2.39 -2.06 7.04
C ALA A 212 -2.32 -2.04 5.49
N ASP A 213 -2.27 -0.84 4.93
CA ASP A 213 -2.28 -0.72 3.44
C ASP A 213 -1.21 0.16 2.84
N THR A 214 -0.20 -0.48 2.24
CA THR A 214 0.88 0.31 1.61
C THR A 214 0.37 1.07 0.39
N GLY A 215 -0.72 0.63 -0.16
CA GLY A 215 -1.33 1.23 -1.35
C GLY A 215 -2.20 2.45 -1.12
N THR A 216 -2.39 2.93 0.07
CA THR A 216 -3.21 4.11 0.36
C THR A 216 -2.21 5.17 0.87
N THR A 217 -2.32 6.34 0.31
CA THR A 217 -1.42 7.43 0.74
C THR A 217 -1.60 7.94 2.20
N LEU A 218 -2.85 8.13 2.60
CA LEU A 218 -3.08 8.71 3.94
C LEU A 218 -3.54 7.78 5.03
N LEU A 219 -3.85 8.40 6.18
CA LEU A 219 -4.35 7.58 7.33
C LEU A 219 -5.86 7.98 7.30
N LEU A 220 -6.72 7.01 6.93
CA LEU A 220 -8.15 7.34 6.80
C LEU A 220 -8.89 6.75 8.01
N LEU A 221 -9.46 7.68 8.74
CA LEU A 221 -10.19 7.35 9.95
C LEU A 221 -11.66 7.77 9.98
N ASP A 222 -12.39 7.31 11.04
CA ASP A 222 -13.80 7.71 11.13
C ASP A 222 -13.90 9.23 11.25
N ASP A 223 -14.95 9.80 10.68
CA ASP A 223 -15.14 11.25 10.71
C ASP A 223 -15.08 11.84 12.12
N SER A 224 -15.53 11.08 13.12
CA SER A 224 -15.54 11.51 14.52
C SER A 224 -14.12 11.80 15.01
N VAL A 225 -13.26 10.89 14.63
CA VAL A 225 -11.82 10.90 14.95
C VAL A 225 -11.16 12.05 14.19
N VAL A 226 -11.51 12.13 12.91
CA VAL A 226 -10.96 13.26 12.11
C VAL A 226 -11.34 14.61 12.73
N SER A 227 -12.60 14.74 13.09
CA SER A 227 -13.08 16.03 13.72
C SER A 227 -12.31 16.42 14.96
N GLN A 228 -12.17 15.43 15.82
CA GLN A 228 -11.47 15.50 17.12
C GLN A 228 -10.03 15.92 16.90
N TYR A 229 -9.39 15.30 15.91
CA TYR A 229 -8.01 15.66 15.59
C TYR A 229 -7.89 17.13 15.11
N TYR A 230 -8.67 17.46 14.07
CA TYR A 230 -8.60 18.82 13.52
C TYR A 230 -9.17 19.92 14.46
N SER A 231 -10.00 19.51 15.41
CA SER A 231 -10.52 20.57 16.32
C SER A 231 -9.31 21.11 17.10
N GLN A 232 -8.18 20.41 17.09
CA GLN A 232 -7.02 20.91 17.84
C GLN A 232 -5.97 21.59 17.01
N VAL A 233 -6.30 21.78 15.73
CA VAL A 233 -5.34 22.40 14.80
C VAL A 233 -5.89 23.79 14.44
N SER A 234 -5.17 24.80 14.88
CA SER A 234 -5.65 26.15 14.59
C SER A 234 -5.77 26.44 13.08
N GLY A 235 -6.97 26.91 12.80
CA GLY A 235 -7.38 27.30 11.45
C GLY A 235 -7.60 26.18 10.43
N ALA A 236 -7.61 24.93 10.86
CA ALA A 236 -7.82 23.81 9.91
C ALA A 236 -9.19 23.97 9.30
N GLN A 237 -9.30 23.75 8.00
CA GLN A 237 -10.58 23.85 7.28
C GLN A 237 -10.54 22.83 6.11
N GLN A 238 -11.70 22.40 5.74
CA GLN A 238 -11.84 21.44 4.63
C GLN A 238 -11.69 22.25 3.34
N ASP A 239 -10.98 21.65 2.41
CA ASP A 239 -10.79 22.38 1.11
C ASP A 239 -11.03 21.30 0.05
N SER A 240 -12.16 21.29 -0.60
CA SER A 240 -12.45 20.28 -1.62
C SER A 240 -11.43 20.34 -2.75
N ASN A 241 -10.81 21.48 -3.02
CA ASN A 241 -9.81 21.57 -4.10
C ASN A 241 -8.61 20.69 -3.68
N ALA A 242 -8.27 20.72 -2.42
CA ALA A 242 -7.13 19.94 -1.88
C ALA A 242 -7.52 18.52 -1.56
N GLY A 243 -8.74 18.20 -1.17
CA GLY A 243 -9.07 16.79 -0.85
C GLY A 243 -9.39 16.51 0.60
N GLY A 244 -9.49 17.57 1.41
CA GLY A 244 -9.82 17.36 2.80
C GLY A 244 -9.34 18.54 3.63
N TYR A 245 -9.07 18.21 4.90
CA TYR A 245 -8.62 19.24 5.80
C TYR A 245 -7.25 19.77 5.45
N VAL A 246 -7.13 21.09 5.44
CA VAL A 246 -5.86 21.76 5.14
C VAL A 246 -5.62 22.74 6.34
N PHE A 247 -4.37 23.16 6.38
CA PHE A 247 -3.93 24.10 7.44
C PHE A 247 -2.63 24.74 6.93
N ASP A 248 -2.28 25.78 7.70
CA ASP A 248 -1.09 26.59 7.49
C ASP A 248 0.07 25.60 7.65
N CYS A 249 0.93 25.60 6.68
CA CYS A 249 2.07 24.68 6.71
C CYS A 249 2.93 24.78 7.97
N SER A 250 2.93 25.89 8.63
CA SER A 250 3.72 26.14 9.85
C SER A 250 3.14 25.66 11.17
N THR A 251 1.93 25.22 11.10
CA THR A 251 1.19 24.72 12.26
C THR A 251 1.95 23.54 12.90
N ASN A 252 1.83 23.62 14.22
CA ASN A 252 2.46 22.56 15.07
C ASN A 252 1.37 21.47 15.12
N LEU A 253 1.58 20.26 14.60
CA LEU A 253 0.44 19.31 14.69
C LEU A 253 0.59 18.34 15.85
N PRO A 254 -0.52 18.01 16.46
CA PRO A 254 -0.50 17.04 17.57
C PRO A 254 -0.14 15.67 16.97
N ASP A 255 0.35 14.80 17.85
CA ASP A 255 0.72 13.43 17.44
C ASP A 255 -0.56 12.58 17.45
N PHE A 256 -0.47 11.43 16.82
CA PHE A 256 -1.60 10.48 16.79
C PHE A 256 -1.05 9.10 17.18
N SER A 257 -1.68 8.42 18.14
CA SER A 257 -1.10 7.08 18.47
C SER A 257 -2.22 6.07 18.59
N VAL A 258 -1.93 4.80 18.50
CA VAL A 258 -2.95 3.73 18.66
C VAL A 258 -2.26 2.70 19.59
N SER A 259 -3.09 2.03 20.35
CA SER A 259 -2.51 1.00 21.29
C SER A 259 -2.84 -0.32 20.63
N ILE A 260 -1.84 -1.08 20.28
CA ILE A 260 -1.99 -2.37 19.61
C ILE A 260 -1.42 -3.50 20.48
N SER A 261 -2.27 -4.31 21.06
CA SER A 261 -1.73 -5.42 21.90
C SER A 261 -0.69 -4.88 22.86
N GLY A 262 -0.97 -3.77 23.52
CA GLY A 262 -0.04 -3.19 24.49
C GLY A 262 1.09 -2.32 23.98
N TYR A 263 1.23 -2.32 22.65
CA TYR A 263 2.30 -1.49 22.03
C TYR A 263 1.66 -0.17 21.56
N THR A 264 2.32 0.94 21.84
CA THR A 264 1.76 2.24 21.42
C THR A 264 2.48 2.62 20.10
N ALA A 265 1.68 2.64 19.04
CA ALA A 265 2.30 3.01 17.72
C ALA A 265 2.06 4.53 17.59
N THR A 266 3.11 5.34 17.55
CA THR A 266 2.86 6.78 17.46
C THR A 266 3.32 7.37 16.13
N VAL A 267 2.42 8.15 15.61
CA VAL A 267 2.75 8.85 14.32
C VAL A 267 3.01 10.30 14.81
N PRO A 268 4.25 10.77 14.66
CA PRO A 268 4.58 12.14 15.08
C PRO A 268 3.83 13.18 14.27
N GLY A 269 3.52 14.31 14.90
CA GLY A 269 2.78 15.34 14.13
C GLY A 269 3.53 15.75 12.87
N SER A 270 4.86 15.72 12.81
CA SER A 270 5.57 16.14 11.59
C SER A 270 5.24 15.28 10.37
N LEU A 271 4.96 14.01 10.57
CA LEU A 271 4.59 13.08 9.50
C LEU A 271 3.14 13.30 9.08
N ILE A 272 2.31 13.98 9.83
CA ILE A 272 0.90 14.27 9.52
C ILE A 272 0.80 15.47 8.59
N ASN A 273 1.91 16.17 8.39
CA ASN A 273 1.89 17.32 7.44
C ASN A 273 2.23 16.55 6.13
N TYR A 274 1.25 16.29 5.29
CA TYR A 274 1.52 15.55 4.06
C TYR A 274 2.40 16.28 3.03
N GLY A 275 2.04 17.56 2.96
CA GLY A 275 2.74 18.46 2.01
C GLY A 275 1.72 19.49 1.50
N PRO A 276 2.25 20.26 0.54
CA PRO A 276 1.51 21.35 -0.12
C PRO A 276 0.18 20.82 -0.61
N SER A 277 -0.86 21.48 -0.16
CA SER A 277 -2.23 21.07 -0.54
C SER A 277 -2.37 21.16 -2.06
N GLY A 278 -1.51 21.97 -2.66
CA GLY A 278 -1.53 22.17 -4.12
C GLY A 278 -2.76 23.05 -4.44
N ASP A 279 -3.04 23.90 -3.47
CA ASP A 279 -4.15 24.85 -3.48
C ASP A 279 -3.82 26.02 -2.55
N GLY A 280 -3.11 26.98 -3.13
CA GLY A 280 -2.74 28.18 -2.36
C GLY A 280 -1.48 27.94 -1.52
N SER A 281 -1.57 28.42 -0.30
CA SER A 281 -0.55 28.38 0.72
C SER A 281 -0.67 27.44 1.93
N THR A 282 -1.55 26.48 1.80
CA THR A 282 -1.80 25.50 2.88
C THR A 282 -1.19 24.14 2.53
N CYS A 283 -1.23 23.34 3.56
CA CYS A 283 -0.71 21.95 3.45
C CYS A 283 -1.87 21.00 3.72
N LEU A 284 -1.85 19.83 3.14
CA LEU A 284 -2.91 18.83 3.35
C LEU A 284 -2.53 17.95 4.57
N GLY A 285 -3.56 17.65 5.39
CA GLY A 285 -3.33 16.79 6.58
C GLY A 285 -3.21 15.34 6.10
N GLY A 286 -2.41 14.63 6.86
CA GLY A 286 -2.15 13.18 6.56
C GLY A 286 -3.34 12.34 7.07
N ILE A 287 -4.20 12.90 7.91
CA ILE A 287 -5.37 12.21 8.46
C ILE A 287 -6.61 12.75 7.71
N GLN A 288 -7.43 11.85 7.15
CA GLN A 288 -8.64 12.35 6.41
C GLN A 288 -9.72 11.30 6.68
N SER A 289 -10.92 11.67 6.25
CA SER A 289 -12.07 10.72 6.45
C SER A 289 -12.02 9.45 5.63
N ASN A 290 -12.54 8.36 6.18
CA ASN A 290 -12.64 7.04 5.56
C ASN A 290 -13.98 6.92 4.83
N SER A 291 -14.76 7.99 4.69
CA SER A 291 -16.06 8.06 4.04
C SER A 291 -17.15 7.17 4.62
N GLY A 292 -17.02 6.89 5.92
CA GLY A 292 -18.07 6.04 6.55
C GLY A 292 -18.00 4.57 6.29
N ILE A 293 -16.90 4.04 5.79
CA ILE A 293 -16.82 2.60 5.55
C ILE A 293 -16.82 1.71 6.78
N GLY A 294 -16.69 2.15 8.00
CA GLY A 294 -16.70 1.16 9.13
C GLY A 294 -15.40 0.60 9.61
N PHE A 295 -14.29 0.95 8.98
CA PHE A 295 -12.96 0.44 9.39
C PHE A 295 -11.94 1.50 8.92
N SER A 296 -10.76 1.49 9.56
CA SER A 296 -9.75 2.50 9.19
C SER A 296 -8.72 2.01 8.22
N ILE A 297 -8.11 2.93 7.48
CA ILE A 297 -7.06 2.44 6.50
C ILE A 297 -5.76 3.06 7.02
N PHE A 298 -4.89 2.19 7.49
CA PHE A 298 -3.56 2.64 8.01
C PHE A 298 -2.65 2.69 6.78
N GLY A 299 -2.69 3.79 6.09
CA GLY A 299 -1.93 4.05 4.88
C GLY A 299 -0.50 4.50 5.19
N ASP A 300 0.16 4.97 4.16
CA ASP A 300 1.58 5.38 4.20
C ASP A 300 1.89 6.38 5.31
N ILE A 301 0.93 7.27 5.59
CA ILE A 301 1.26 8.26 6.69
C ILE A 301 1.64 7.50 7.96
N PHE A 302 0.87 6.46 8.24
CA PHE A 302 1.12 5.66 9.47
C PHE A 302 2.37 4.82 9.35
N LEU A 303 2.43 4.18 8.17
CA LEU A 303 3.55 3.27 7.88
C LEU A 303 4.92 3.88 7.89
N LYS A 304 5.00 5.17 7.54
CA LYS A 304 6.29 5.85 7.54
C LYS A 304 6.84 5.89 8.95
N SER A 305 6.09 5.64 10.00
CA SER A 305 6.63 5.65 11.36
C SER A 305 7.03 4.28 11.88
N GLN A 306 6.66 3.18 11.23
CA GLN A 306 6.99 1.86 11.74
C GLN A 306 7.64 0.93 10.75
N TYR A 307 8.20 -0.12 11.33
CA TYR A 307 8.78 -1.21 10.48
C TYR A 307 7.63 -2.22 10.71
N VAL A 308 7.06 -2.73 9.61
CA VAL A 308 5.89 -3.65 9.79
C VAL A 308 6.15 -5.06 9.18
N VAL A 309 5.86 -6.04 10.02
CA VAL A 309 6.06 -7.44 9.51
C VAL A 309 4.70 -8.06 9.16
N PHE A 310 4.63 -8.57 7.94
CA PHE A 310 3.34 -9.21 7.47
C PHE A 310 3.71 -10.71 7.47
N ASP A 311 3.19 -11.38 8.51
CA ASP A 311 3.50 -12.81 8.69
C ASP A 311 2.32 -13.73 8.40
N SER A 312 2.59 -14.57 7.39
CA SER A 312 1.52 -15.55 7.01
C SER A 312 1.25 -16.55 8.13
N ASP A 313 2.12 -16.79 9.06
CA ASP A 313 1.92 -17.75 10.20
C ASP A 313 1.09 -17.04 11.26
N GLY A 314 -0.17 -17.44 11.43
CA GLY A 314 -1.08 -16.78 12.43
C GLY A 314 -2.41 -16.63 11.70
N PRO A 315 -2.50 -15.67 10.75
CA PRO A 315 -1.47 -14.71 10.37
C PRO A 315 -1.37 -13.62 11.44
N GLN A 316 -0.33 -12.82 11.37
CA GLN A 316 -0.17 -11.74 12.35
C GLN A 316 0.66 -10.59 11.79
N LEU A 317 0.59 -9.45 12.46
CA LEU A 317 1.36 -8.27 12.05
C LEU A 317 2.32 -7.89 13.22
N GLY A 318 3.54 -7.57 12.86
CA GLY A 318 4.51 -7.16 13.88
C GLY A 318 4.83 -5.70 13.64
N PHE A 319 4.91 -4.98 14.75
CA PHE A 319 5.25 -3.56 14.72
C PHE A 319 6.38 -3.11 15.68
N ALA A 320 7.14 -2.14 15.14
CA ALA A 320 8.20 -1.57 16.02
C ALA A 320 8.49 -0.20 15.38
N PRO A 321 8.95 0.79 16.13
CA PRO A 321 9.27 2.09 15.58
C PRO A 321 10.45 1.97 14.62
N GLN A 322 10.40 2.68 13.50
CA GLN A 322 11.49 2.63 12.50
C GLN A 322 12.75 3.23 13.08
N ALA A 323 13.90 2.63 12.72
CA ALA A 323 15.17 3.16 13.25
C ALA A 323 15.63 4.17 12.17
CA IVA B 1 -3.31 10.70 -2.89
CB IVA B 1 -4.05 11.95 -2.42
CG1 IVA B 1 -4.93 11.54 -1.26
CG2 IVA B 1 -3.10 13.03 -1.97
C IVA B 1 -4.26 9.61 -3.38
O IVA B 1 -5.40 9.91 -3.82
N VAL B 2 -3.83 8.37 -3.32
CA VAL B 2 -4.69 7.27 -3.82
C VAL B 2 -5.17 6.36 -2.68
N VAL B 3 -6.12 5.55 -3.09
CA VAL B 3 -6.73 4.56 -2.12
C VAL B 3 -6.77 3.24 -2.89
N DFI B 4 -5.81 2.33 -2.67
CA DFI B 4 -5.78 1.08 -3.40
CB DFI B 4 -4.52 1.06 -4.31
CG DFI B 4 -4.34 2.25 -5.23
CD1 DFI B 4 -2.99 2.17 -5.95
CD2 DFI B 4 -5.47 2.36 -6.28
CH DFI B 4 -5.75 -0.15 -2.47
OH DFI B 4 -4.75 0.05 -1.42
CM DFI B 4 -7.05 -0.52 -1.72
F1 DFI B 4 -7.60 0.56 -1.16
F2 DFI B 4 -6.87 -1.34 -0.67
C DFI B 4 -8.11 -1.14 -2.68
O DFI B 4 -8.83 -0.44 -3.41
N NME B 5 -8.16 -2.46 -2.62
C NME B 5 -9.11 -3.23 -3.48
C1 MAN C . 17.94 -13.67 2.99
C2 MAN C . 19.32 -13.26 2.53
C3 MAN C . 19.93 -14.37 1.69
C4 MAN C . 19.93 -15.69 2.48
C5 MAN C . 18.49 -16.01 2.84
C6 MAN C . 18.27 -17.31 3.60
O2 MAN C . 20.02 -13.07 3.79
O3 MAN C . 21.29 -14.02 1.40
O4 MAN C . 20.42 -16.74 1.67
O5 MAN C . 17.95 -14.93 3.67
O6 MAN C . 18.94 -17.24 4.85
C1 HSY D . 18.85 -3.49 -2.26
C2 HSY D . 19.29 -2.79 -1.02
C3 HSY D . 18.94 -1.34 -0.89
C4 HSY D . 18.89 -0.69 -2.28
C5 HSY D . 17.78 -1.39 -3.08
O2 HSY D . 18.96 -3.40 0.23
O3 HSY D . 19.83 -0.66 -0.05
O4 HSY D . 18.71 0.69 -2.23
O5 HSY D . 18.15 -2.77 -3.25
S SO4 E . 12.58 -8.83 17.90
O1 SO4 E . 12.72 -10.15 17.21
O2 SO4 E . 11.27 -8.83 18.61
O3 SO4 E . 13.69 -8.56 18.88
O4 SO4 E . 12.60 -7.75 16.87
C1 DMF F . -10.06 -0.69 0.96
C2 DMF F . -11.50 -0.69 -1.03
C DMF F . -11.62 1.05 0.55
O DMF F . -12.75 1.35 0.11
N DMF F . -10.90 0.04 0.04
#